data_7E3O
#
_entry.id   7E3O
#
_cell.length_a   165.093
_cell.length_b   60.367
_cell.length_c   77.296
_cell.angle_alpha   90.000
_cell.angle_beta   90.000
_cell.angle_gamma   90.000
#
_symmetry.space_group_name_H-M   'P 21 21 21'
#
loop_
_entity.id
_entity.type
_entity.pdbx_description
1 polymer 'nCoV617 Light Chain'
2 polymer 'nCoV617 Heigh Chain'
3 polymer 'Spike protein S1'
4 water water
#
loop_
_entity_poly.entity_id
_entity_poly.type
_entity_poly.pdbx_seq_one_letter_code
_entity_poly.pdbx_strand_id
1 'polypeptide(L)'
;QSVLTQPPSASGTPGQRVTISCSGSSSNIGSNTVNWYQQLPGTAPKLLIFSNNQRPSGVPDRFSGSKSGTSASLAISGLQ
SEDEADYYCAAWDDSLKGVFGGGTKLTVLGQPKAAPSVTLFPPSSEELQANKATLVCLISDFYPGAVTVAWKADSSPVKA
GVETTTPSKQSNNKYAASSYLSLTPEQWKSHRSYSCQVTHEGSTVEKTVAPTECS
;
L
2 'polypeptide(L)'
;QVQLVESGGGVVQPGRSLRLSCAASGFTFSSYAMHWVRQAPGKGLEWVALISYDGSNKYADSVKGRFTISRDNSKNTLYL
QMNSLRAEDTAVYYCARGLGLRFLEWPISSYWGQGTLVTVSSASTKGPSVFPLAPSSKSTSGGTAALGCLVKDYFPEPVT
VSWNSGALTSGVHTFPAVLQSSGLYSLSSVVTVPSSSLGTQTYICNVNHKPSNTKVDKRVEPKSCDK
;
H
3 'polypeptide(L)'
;PFGEVFNATRFASVYAWNRKRISNCVADYSVLYNSASFSTFKCYGVSPTKLNDLCFTNVYADSFVIRGDEVRQIAPGQTG
KIADYNYKLPDDFTGCVIAWNSNNLDSKVGGNYNYLYRLFRKSNLKPFERDISTEIYQAGSTPCNGVEGFNCYFPLQSYG
FQPTNGVGYQPYRVVVLSFELLHAPATVCGPHHHHHHHH
;
R
#
# COMPACT_ATOMS: atom_id res chain seq x y z
N VAL A 3 14.97 -7.87 5.55
CA VAL A 3 15.97 -7.72 4.49
C VAL A 3 16.16 -6.21 4.21
N LEU A 4 15.11 -5.44 4.49
CA LEU A 4 15.14 -3.97 4.43
C LEU A 4 14.74 -3.43 5.79
N THR A 5 15.57 -2.56 6.39
CA THR A 5 15.31 -2.06 7.73
C THR A 5 14.80 -0.61 7.69
N GLN A 6 13.70 -0.38 8.38
CA GLN A 6 13.17 0.97 8.56
C GLN A 6 13.14 1.28 10.05
N PRO A 7 13.25 2.55 10.43
CA PRO A 7 12.96 2.92 11.82
C PRO A 7 11.52 2.55 12.14
N PRO A 8 11.23 2.05 13.36
CA PRO A 8 9.85 1.64 13.64
C PRO A 8 8.90 2.81 13.80
N SER A 9 9.41 3.98 14.20
CA SER A 9 8.58 5.14 14.52
C SER A 9 9.16 6.41 13.92
N ALA A 10 8.26 7.32 13.59
CA ALA A 10 8.57 8.69 13.23
C ALA A 10 7.42 9.56 13.73
N SER A 11 7.69 10.85 13.89
CA SER A 11 6.65 11.79 14.30
C SER A 11 7.00 13.20 13.87
N GLY A 12 5.97 14.05 13.85
CA GLY A 12 6.13 15.46 13.51
C GLY A 12 4.87 16.21 13.85
N THR A 13 4.99 17.65 13.82
CA THR A 13 3.87 18.55 14.04
C THR A 13 3.27 18.95 12.69
N PRO A 14 1.97 19.19 12.62
CA PRO A 14 1.38 19.59 11.34
C PRO A 14 2.12 20.77 10.73
N GLY A 15 2.67 20.58 9.53
CA GLY A 15 3.41 21.61 8.82
C GLY A 15 4.89 21.36 8.70
N GLN A 16 5.43 20.41 9.47
CA GLN A 16 6.84 20.06 9.46
C GLN A 16 7.16 19.22 8.23
N ARG A 17 8.45 18.92 8.06
CA ARG A 17 8.90 17.98 7.05
C ARG A 17 9.48 16.78 7.79
N VAL A 18 8.92 15.60 7.53
CA VAL A 18 9.35 14.37 8.19
C VAL A 18 10.00 13.50 7.13
N THR A 19 11.07 12.82 7.52
CA THR A 19 11.75 11.90 6.63
C THR A 19 11.76 10.51 7.25
N ILE A 20 11.75 9.50 6.38
CA ILE A 20 11.73 8.10 6.77
C ILE A 20 12.79 7.38 5.96
N SER A 21 13.68 6.67 6.64
CA SER A 21 14.83 6.08 5.97
C SER A 21 14.62 4.59 5.76
N CYS A 22 15.42 4.05 4.87
CA CYS A 22 15.34 2.66 4.44
C CYS A 22 16.75 2.22 4.07
N SER A 23 17.22 1.17 4.70
CA SER A 23 18.51 0.57 4.46
C SER A 23 18.30 -0.78 3.80
N GLY A 24 19.18 -1.11 2.88
CA GLY A 24 19.10 -2.39 2.21
C GLY A 24 20.45 -3.03 1.97
N SER A 25 20.63 -3.56 0.77
CA SER A 25 21.78 -4.40 0.42
C SER A 25 22.02 -4.28 -1.07
N SER A 26 23.12 -4.87 -1.54
CA SER A 26 23.42 -4.82 -2.96
C SER A 26 22.40 -5.58 -3.79
N SER A 27 21.80 -6.64 -3.23
CA SER A 27 20.85 -7.50 -3.93
C SER A 27 19.54 -6.80 -4.23
N ASN A 28 19.25 -5.66 -3.60
CA ASN A 28 17.96 -5.02 -3.74
C ASN A 28 18.08 -3.52 -4.01
N ILE A 29 18.14 -2.70 -2.96
CA ILE A 29 18.22 -1.24 -3.15
C ILE A 29 19.44 -0.85 -3.97
N GLY A 30 20.56 -1.59 -3.82
CA GLY A 30 21.78 -1.22 -4.52
C GLY A 30 21.69 -1.35 -6.04
N SER A 31 20.83 -2.24 -6.54
CA SER A 31 20.70 -2.45 -7.97
C SER A 31 19.29 -2.25 -8.57
N ASN A 32 18.23 -2.27 -7.77
CA ASN A 32 16.87 -2.04 -8.28
C ASN A 32 16.28 -0.79 -7.65
N THR A 33 15.19 -0.29 -8.25
CA THR A 33 14.57 0.93 -7.74
C THR A 33 13.80 0.66 -6.46
N VAL A 34 13.58 1.72 -5.68
CA VAL A 34 12.86 1.63 -4.43
C VAL A 34 11.47 2.26 -4.59
N ASN A 35 10.53 1.81 -3.77
CA ASN A 35 9.12 2.20 -3.86
C ASN A 35 8.57 2.45 -2.46
N TRP A 36 7.53 3.25 -2.37
CA TRP A 36 6.97 3.59 -1.07
C TRP A 36 5.45 3.48 -1.10
N TYR A 37 4.92 2.96 -0.01
CA TYR A 37 3.51 2.69 0.15
C TYR A 37 3.01 3.34 1.44
N GLN A 38 1.82 3.92 1.38
CA GLN A 38 1.13 4.41 2.56
C GLN A 38 0.06 3.41 2.95
N GLN A 39 0.00 3.05 4.23
CA GLN A 39 -1.03 2.14 4.73
C GLN A 39 -1.74 2.77 5.92
N LEU A 40 -3.05 2.98 5.77
CA LEU A 40 -3.95 3.33 6.87
C LEU A 40 -4.39 2.06 7.60
N PRO A 41 -4.84 2.20 8.86
CA PRO A 41 -5.02 1.01 9.73
C PRO A 41 -5.79 -0.18 9.15
N GLY A 42 -5.11 -1.32 9.06
CA GLY A 42 -5.68 -2.56 8.53
C GLY A 42 -6.13 -2.51 7.08
N THR A 43 -5.86 -1.43 6.36
CA THR A 43 -6.34 -1.21 5.00
C THR A 43 -5.24 -1.58 4.00
N ALA A 44 -5.68 -1.87 2.78
CA ALA A 44 -4.75 -2.15 1.73
C ALA A 44 -3.89 -0.91 1.49
N PRO A 45 -2.58 -1.07 1.28
CA PRO A 45 -1.68 0.07 1.08
C PRO A 45 -1.94 0.74 -0.26
N LYS A 46 -1.43 1.98 -0.39
CA LYS A 46 -1.48 2.75 -1.62
C LYS A 46 -0.06 3.04 -2.07
N LEU A 47 0.19 2.92 -3.38
CA LEU A 47 1.50 3.29 -3.91
C LEU A 47 1.62 4.81 -3.94
N LEU A 48 2.73 5.34 -3.47
CA LEU A 48 2.90 6.77 -3.66
C LEU A 48 4.23 7.16 -4.26
N ILE A 49 5.20 6.24 -4.38
CA ILE A 49 6.47 6.51 -5.02
C ILE A 49 6.88 5.23 -5.75
N PHE A 50 7.23 5.37 -7.03
CA PHE A 50 7.92 4.30 -7.75
C PHE A 50 9.15 4.87 -8.43
N SER A 51 10.04 3.97 -8.85
CA SER A 51 11.30 4.35 -9.50
C SER A 51 12.01 5.45 -8.72
N ASN A 52 12.22 5.20 -7.43
CA ASN A 52 12.97 6.08 -6.53
C ASN A 52 12.27 7.41 -6.26
N ASN A 53 11.71 8.07 -7.28
CA ASN A 53 11.20 9.41 -7.01
C ASN A 53 10.08 9.83 -7.96
N GLN A 54 9.37 8.87 -8.54
CA GLN A 54 8.24 9.17 -9.40
C GLN A 54 6.92 8.94 -8.65
N ARG A 55 5.97 9.83 -8.86
CA ARG A 55 4.72 9.75 -8.15
C ARG A 55 3.61 9.27 -9.08
N PRO A 56 2.85 8.24 -8.68
CA PRO A 56 1.56 7.98 -9.33
C PRO A 56 0.69 9.22 -9.35
N SER A 57 -0.21 9.27 -10.34
CA SER A 57 -1.17 10.35 -10.44
C SER A 57 -2.05 10.38 -9.19
N GLY A 58 -2.20 11.56 -8.59
CA GLY A 58 -2.97 11.74 -7.38
C GLY A 58 -2.13 11.97 -6.13
N VAL A 59 -0.87 11.56 -6.13
CA VAL A 59 0.02 11.74 -4.98
C VAL A 59 0.55 13.17 -4.96
N PRO A 60 0.36 13.91 -3.87
CA PRO A 60 0.84 15.30 -3.79
C PRO A 60 2.36 15.39 -3.87
N ASP A 61 2.84 16.51 -4.41
CA ASP A 61 4.29 16.69 -4.57
C ASP A 61 5.03 16.91 -3.26
N ARG A 62 4.34 17.23 -2.17
CA ARG A 62 4.96 17.26 -0.86
C ARG A 62 5.43 15.88 -0.41
N PHE A 63 5.05 14.83 -1.13
CA PHE A 63 5.66 13.51 -1.01
C PHE A 63 6.81 13.42 -2.00
N SER A 64 7.95 12.90 -1.53
CA SER A 64 9.19 13.02 -2.27
C SER A 64 10.12 11.87 -1.93
N GLY A 65 10.75 11.31 -2.96
CA GLY A 65 11.59 10.14 -2.80
C GLY A 65 13.00 10.38 -3.31
N SER A 66 13.96 9.71 -2.66
CA SER A 66 15.35 9.87 -3.05
C SER A 66 16.07 8.55 -2.78
N LYS A 67 17.25 8.42 -3.37
CA LYS A 67 17.93 7.13 -3.37
C LYS A 67 19.41 7.36 -3.66
N SER A 68 20.27 6.80 -2.82
CA SER A 68 21.70 6.87 -3.03
C SER A 68 22.33 5.61 -2.46
N GLY A 69 23.03 4.87 -3.30
CA GLY A 69 23.72 3.64 -2.90
C GLY A 69 22.83 2.49 -2.47
N THR A 70 22.80 2.26 -1.16
CA THR A 70 22.02 1.22 -0.51
C THR A 70 20.94 1.79 0.42
N SER A 71 20.81 3.12 0.49
CA SER A 71 19.81 3.81 1.29
C SER A 71 18.74 4.45 0.39
N ALA A 72 17.62 4.79 1.02
CA ALA A 72 16.49 5.43 0.38
C ALA A 72 15.76 6.19 1.45
N SER A 73 15.16 7.30 1.07
CA SER A 73 14.53 8.16 2.05
C SER A 73 13.23 8.70 1.50
N LEU A 74 12.24 8.84 2.38
CA LEU A 74 10.93 9.38 2.02
C LEU A 74 10.75 10.69 2.76
N ALA A 75 10.42 11.75 2.05
CA ALA A 75 10.26 13.06 2.67
C ALA A 75 8.82 13.51 2.52
N ILE A 76 8.21 13.89 3.63
CA ILE A 76 6.82 14.37 3.65
C ILE A 76 6.87 15.83 4.07
N SER A 77 6.78 16.72 3.10
CA SER A 77 6.71 18.15 3.38
C SER A 77 5.28 18.54 3.72
N GLY A 78 5.17 19.62 4.49
CA GLY A 78 3.87 20.15 4.89
C GLY A 78 3.02 19.03 5.45
N LEU A 79 3.41 18.51 6.61
CA LEU A 79 2.76 17.35 7.19
C LEU A 79 1.33 17.69 7.61
N GLN A 80 0.39 16.83 7.22
CA GLN A 80 -1.02 16.96 7.54
C GLN A 80 -1.44 15.80 8.43
N SER A 81 -2.48 16.01 9.21
CA SER A 81 -2.98 14.93 10.06
C SER A 81 -3.38 13.70 9.25
N GLU A 82 -3.98 13.87 8.09
CA GLU A 82 -4.28 12.74 7.21
C GLU A 82 -3.04 11.97 6.74
N ASP A 83 -1.82 12.38 7.10
CA ASP A 83 -0.64 11.58 6.80
C ASP A 83 -0.33 10.55 7.89
N GLU A 84 -1.07 10.56 9.00
CA GLU A 84 -0.82 9.61 10.09
C GLU A 84 -1.04 8.18 9.57
N ALA A 85 0.03 7.39 9.50
CA ALA A 85 -0.05 6.08 8.86
C ALA A 85 1.28 5.34 8.94
N ASP A 86 1.25 4.15 8.41
CA ASP A 86 2.39 3.29 8.15
C ASP A 86 2.92 3.46 6.75
N TYR A 87 4.23 3.69 6.66
CA TYR A 87 4.95 3.86 5.39
C TYR A 87 5.92 2.70 5.24
N TYR A 88 5.84 2.03 4.09
CA TYR A 88 6.70 0.89 3.75
C TYR A 88 7.54 1.24 2.52
N CYS A 89 8.86 1.12 2.64
CA CYS A 89 9.68 1.05 1.43
C CYS A 89 9.64 -0.38 0.89
N ALA A 90 9.81 -0.51 -0.43
CA ALA A 90 9.78 -1.81 -1.10
C ALA A 90 10.73 -1.81 -2.28
N ALA A 91 11.31 -2.97 -2.55
CA ALA A 91 12.32 -3.07 -3.59
C ALA A 91 12.43 -4.51 -4.04
N TRP A 92 12.53 -4.70 -5.34
CA TRP A 92 12.83 -6.01 -5.88
C TRP A 92 14.21 -6.48 -5.41
N ASP A 93 14.32 -7.77 -5.13
CA ASP A 93 15.60 -8.39 -4.78
C ASP A 93 16.02 -9.29 -5.94
N ASP A 94 17.32 -9.24 -6.26
CA ASP A 94 17.83 -9.92 -7.44
C ASP A 94 17.67 -11.44 -7.36
N SER A 95 17.62 -12.01 -6.16
CA SER A 95 17.04 -13.34 -5.92
C SER A 95 15.77 -13.64 -6.75
N LEU A 96 15.05 -12.59 -7.18
CA LEU A 96 13.73 -12.59 -7.82
C LEU A 96 12.67 -12.74 -6.72
N LYS A 97 12.74 -11.88 -5.70
CA LYS A 97 11.84 -11.92 -4.57
C LYS A 97 10.94 -10.70 -4.56
N GLY A 98 11.35 -9.58 -4.01
CA GLY A 98 10.33 -8.58 -3.70
C GLY A 98 10.16 -8.47 -2.20
N VAL A 99 10.48 -7.30 -1.66
CA VAL A 99 10.72 -7.14 -0.24
C VAL A 99 10.04 -5.86 0.22
N PHE A 100 9.35 -5.94 1.34
CA PHE A 100 8.86 -4.78 2.06
C PHE A 100 9.74 -4.61 3.28
N GLY A 101 10.16 -3.39 3.55
CA GLY A 101 10.80 -3.10 4.80
C GLY A 101 9.81 -3.25 5.95
N GLY A 102 10.33 -3.12 7.17
CA GLY A 102 9.54 -3.36 8.36
C GLY A 102 8.37 -2.42 8.54
N GLY A 103 8.41 -1.26 7.93
CA GLY A 103 7.33 -0.32 8.17
C GLY A 103 7.68 0.68 9.25
N THR A 104 7.20 1.90 9.07
CA THR A 104 7.41 3.00 9.98
C THR A 104 6.05 3.62 10.25
N LYS A 105 5.60 3.56 11.52
CA LYS A 105 4.35 4.21 11.87
C LYS A 105 4.64 5.67 12.16
N LEU A 106 3.96 6.56 11.44
CA LEU A 106 4.15 7.99 11.58
C LEU A 106 2.99 8.56 12.38
N THR A 107 3.31 9.26 13.47
CA THR A 107 2.31 9.90 14.31
C THR A 107 2.36 11.40 14.06
N VAL A 108 1.20 11.99 13.79
CA VAL A 108 1.04 13.45 13.71
C VAL A 108 0.71 13.94 15.11
N LEU A 109 1.61 14.74 15.70
CA LEU A 109 1.53 15.08 17.13
C LEU A 109 0.77 16.36 17.47
N GLY A 110 0.63 17.32 16.58
CA GLY A 110 0.03 18.56 17.06
C GLY A 110 -1.47 18.51 17.26
N GLN A 111 -1.95 18.27 18.51
CA GLN A 111 -3.37 17.88 18.67
C GLN A 111 -3.84 18.08 20.10
N PRO A 112 -5.02 18.68 20.31
CA PRO A 112 -5.42 19.09 21.66
C PRO A 112 -5.82 17.92 22.55
N LYS A 113 -5.36 17.97 23.80
CA LYS A 113 -5.78 16.99 24.79
C LYS A 113 -7.30 17.04 24.95
N ALA A 114 -7.89 15.87 25.23
CA ALA A 114 -9.33 15.78 25.44
C ALA A 114 -9.62 14.68 26.47
N ALA A 115 -10.57 14.96 27.35
CA ALA A 115 -10.91 14.02 28.40
C ALA A 115 -11.87 12.96 27.87
N PRO A 116 -11.82 11.76 28.44
CA PRO A 116 -12.63 10.66 27.91
C PRO A 116 -14.07 10.70 28.39
N SER A 117 -14.97 10.22 27.52
CA SER A 117 -16.36 9.98 27.84
C SER A 117 -16.51 8.52 28.19
N VAL A 118 -17.16 8.23 29.31
CA VAL A 118 -17.28 6.87 29.80
C VAL A 118 -18.75 6.49 29.92
N THR A 119 -19.09 5.34 29.36
CA THR A 119 -20.41 4.75 29.46
C THR A 119 -20.24 3.32 29.96
N LEU A 120 -20.95 2.99 31.04
CA LEU A 120 -20.92 1.69 31.69
C LEU A 120 -22.31 1.05 31.61
N PHE A 121 -22.39 -0.15 30.99
CA PHE A 121 -23.64 -0.88 30.91
C PHE A 121 -23.68 -1.97 31.98
N PRO A 122 -24.80 -2.12 32.71
CA PRO A 122 -24.97 -3.29 33.58
C PRO A 122 -25.13 -4.54 32.74
N PRO A 123 -25.08 -5.74 33.35
CA PRO A 123 -25.44 -6.94 32.60
C PRO A 123 -26.88 -6.83 32.14
N SER A 124 -27.13 -7.19 30.90
CA SER A 124 -28.52 -7.26 30.44
C SER A 124 -29.24 -8.37 31.18
N SER A 125 -30.55 -8.21 31.34
CA SER A 125 -31.37 -9.30 31.87
C SER A 125 -31.35 -10.52 30.94
N GLU A 126 -31.19 -10.32 29.63
CA GLU A 126 -31.16 -11.50 28.78
C GLU A 126 -29.87 -12.32 28.97
N GLU A 127 -28.75 -11.64 29.26
CA GLU A 127 -27.53 -12.37 29.61
C GLU A 127 -27.66 -13.05 30.97
N LEU A 128 -28.33 -12.39 31.93
CA LEU A 128 -28.50 -13.02 33.24
C LEU A 128 -29.35 -14.29 33.13
N GLN A 129 -30.33 -14.29 32.22
CA GLN A 129 -31.13 -15.48 31.95
C GLN A 129 -30.29 -16.58 31.33
N ALA A 130 -29.21 -16.23 30.65
CA ALA A 130 -28.20 -17.18 30.20
C ALA A 130 -27.21 -17.58 31.29
N ASN A 131 -27.35 -17.03 32.49
CA ASN A 131 -26.48 -17.37 33.63
C ASN A 131 -25.02 -16.93 33.40
N LYS A 132 -24.82 -15.88 32.62
CA LYS A 132 -23.56 -15.14 32.56
C LYS A 132 -23.82 -13.71 32.97
N ALA A 133 -22.76 -12.92 33.12
CA ALA A 133 -22.93 -11.51 33.50
C ALA A 133 -21.65 -10.77 33.12
N THR A 134 -21.79 -9.77 32.24
CA THR A 134 -20.69 -8.93 31.79
C THR A 134 -21.07 -7.48 32.01
N LEU A 135 -20.15 -6.71 32.61
CA LEU A 135 -20.22 -5.26 32.67
C LEU A 135 -19.38 -4.70 31.53
N VAL A 136 -19.87 -3.63 30.89
CA VAL A 136 -19.26 -3.08 29.68
C VAL A 136 -18.96 -1.60 29.89
N CYS A 137 -17.67 -1.25 29.92
CA CYS A 137 -17.18 0.14 30.06
C CYS A 137 -16.59 0.61 28.72
N LEU A 138 -17.23 1.61 28.09
CA LEU A 138 -16.80 2.18 26.82
C LEU A 138 -16.21 3.57 27.03
N ILE A 139 -14.96 3.77 26.59
CA ILE A 139 -14.18 4.99 26.79
C ILE A 139 -13.89 5.62 25.43
N SER A 140 -14.21 6.91 25.27
CA SER A 140 -14.30 7.58 23.98
C SER A 140 -13.72 8.99 24.04
N ASP A 141 -13.30 9.47 22.87
CA ASP A 141 -13.02 10.89 22.62
C ASP A 141 -11.90 11.42 23.50
N PHE A 142 -10.84 10.64 23.71
CA PHE A 142 -9.74 11.09 24.54
C PHE A 142 -8.44 11.17 23.74
N TYR A 143 -7.61 12.16 24.09
CA TYR A 143 -6.26 12.33 23.57
C TYR A 143 -5.43 12.95 24.69
N PRO A 144 -4.18 12.50 24.89
CA PRO A 144 -3.50 11.43 24.14
C PRO A 144 -4.04 10.05 24.58
N GLY A 145 -3.61 8.97 23.92
CA GLY A 145 -4.22 7.66 23.99
C GLY A 145 -3.92 6.79 25.19
N ALA A 146 -3.19 7.28 26.19
CA ALA A 146 -2.91 6.50 27.39
C ALA A 146 -4.05 6.66 28.39
N VAL A 147 -4.53 5.55 28.93
CA VAL A 147 -5.50 5.53 30.01
C VAL A 147 -5.23 4.36 30.93
N THR A 148 -5.68 4.52 32.17
CA THR A 148 -5.73 3.47 33.16
C THR A 148 -7.19 3.20 33.49
N VAL A 149 -7.57 1.93 33.53
CA VAL A 149 -8.94 1.51 33.85
C VAL A 149 -8.90 0.65 35.10
N ALA A 150 -9.78 0.93 36.05
CA ALA A 150 -9.80 0.16 37.28
C ALA A 150 -11.24 -0.14 37.63
N TRP A 151 -11.47 -1.34 38.15
CA TRP A 151 -12.81 -1.78 38.52
C TRP A 151 -12.93 -1.91 40.03
N LYS A 152 -14.05 -1.41 40.56
CA LYS A 152 -14.37 -1.42 41.98
C LYS A 152 -15.65 -2.22 42.18
N ALA A 153 -15.58 -3.17 43.09
CA ALA A 153 -16.75 -3.88 43.63
C ALA A 153 -16.90 -3.41 45.07
N ASP A 154 -17.96 -2.64 45.35
CA ASP A 154 -18.21 -2.12 46.70
C ASP A 154 -16.98 -1.36 47.23
N SER A 155 -16.56 -0.32 46.50
CA SER A 155 -15.37 0.47 46.85
C SER A 155 -14.09 -0.36 46.95
N SER A 156 -14.12 -1.67 46.65
CA SER A 156 -12.93 -2.50 46.66
C SER A 156 -12.45 -2.78 45.24
N PRO A 157 -11.14 -2.70 44.99
CA PRO A 157 -10.63 -3.03 43.65
C PRO A 157 -10.72 -4.51 43.35
N VAL A 158 -11.00 -4.83 42.09
CA VAL A 158 -11.04 -6.21 41.64
C VAL A 158 -10.38 -6.31 40.27
N LYS A 159 -9.39 -7.20 40.15
CA LYS A 159 -8.71 -7.44 38.89
C LYS A 159 -9.13 -8.76 38.25
N ALA A 160 -9.95 -9.57 38.95
CA ALA A 160 -10.31 -10.92 38.55
C ALA A 160 -10.65 -11.07 37.07
N GLY A 161 -11.85 -10.70 36.65
CA GLY A 161 -12.18 -10.96 35.26
C GLY A 161 -12.26 -9.75 34.36
N VAL A 162 -11.17 -8.99 34.23
CA VAL A 162 -11.13 -7.75 33.46
C VAL A 162 -10.31 -7.95 32.18
N GLU A 163 -10.70 -7.25 31.11
CA GLU A 163 -10.00 -7.25 29.82
C GLU A 163 -10.18 -5.89 29.15
N THR A 164 -9.12 -5.38 28.48
CA THR A 164 -9.09 -4.00 27.95
C THR A 164 -8.41 -3.96 26.57
N THR A 165 -8.42 -2.78 25.91
CA THR A 165 -7.95 -2.56 24.53
C THR A 165 -6.98 -1.35 24.39
N THR A 166 -6.97 -0.56 23.20
CA THR A 166 -6.78 0.93 23.05
C THR A 166 -6.35 1.51 21.67
N PRO A 167 -7.32 1.87 20.75
CA PRO A 167 -6.94 2.58 19.52
C PRO A 167 -7.73 3.84 19.19
N SER A 168 -7.38 4.45 18.05
CA SER A 168 -7.97 5.68 17.54
C SER A 168 -9.05 5.37 16.51
N LYS A 169 -10.03 6.27 16.39
CA LYS A 169 -11.21 5.98 15.58
C LYS A 169 -11.58 7.20 14.75
N GLN A 170 -12.68 7.07 14.00
CA GLN A 170 -13.25 8.13 13.15
C GLN A 170 -13.05 9.51 13.75
N SER A 171 -13.42 9.66 15.01
CA SER A 171 -13.29 10.90 15.77
C SER A 171 -11.82 11.27 15.90
N ASN A 173 -9.28 12.19 15.22
CA ASN A 173 -8.10 11.45 15.61
C ASN A 173 -8.21 10.90 17.02
N LYS A 174 -9.36 11.07 17.64
CA LYS A 174 -9.50 10.83 19.07
C LYS A 174 -9.60 9.35 19.37
N TYR A 175 -9.13 8.96 20.56
CA TYR A 175 -8.94 7.55 20.92
C TYR A 175 -10.18 6.94 21.57
N ALA A 176 -10.27 5.62 21.46
CA ALA A 176 -11.34 4.87 22.09
C ALA A 176 -10.79 3.58 22.65
N ALA A 177 -11.42 3.09 23.71
CA ALA A 177 -11.04 1.83 24.34
C ALA A 177 -12.26 1.24 25.01
N SER A 178 -12.17 -0.04 25.36
CA SER A 178 -13.30 -0.71 25.99
C SER A 178 -12.78 -1.73 26.99
N SER A 179 -13.49 -1.86 28.09
CA SER A 179 -13.09 -2.75 29.17
C SER A 179 -14.30 -3.56 29.61
N TYR A 180 -14.07 -4.84 29.89
CA TYR A 180 -15.14 -5.75 30.28
C TYR A 180 -14.80 -6.39 31.62
N LEU A 181 -15.81 -6.52 32.48
CA LEU A 181 -15.68 -7.23 33.74
C LEU A 181 -16.62 -8.41 33.71
N SER A 182 -16.09 -9.63 33.82
CA SER A 182 -16.91 -10.82 33.83
C SER A 182 -17.27 -11.18 35.27
N LEU A 183 -18.53 -11.56 35.47
CA LEU A 183 -19.06 -11.91 36.77
C LEU A 183 -20.04 -13.05 36.61
N THR A 184 -20.27 -13.76 37.72
CA THR A 184 -21.41 -14.65 37.83
C THR A 184 -22.66 -13.84 38.09
N PRO A 185 -23.84 -14.39 37.78
CA PRO A 185 -25.08 -13.69 38.18
C PRO A 185 -25.12 -13.43 39.68
N GLU A 186 -24.70 -14.40 40.49
CA GLU A 186 -24.75 -14.22 41.95
C GLU A 186 -23.81 -13.10 42.41
N GLN A 187 -22.62 -12.99 41.81
CA GLN A 187 -21.69 -11.91 42.18
C GLN A 187 -22.27 -10.55 41.86
N TRP A 188 -23.02 -10.45 40.76
CA TRP A 188 -23.66 -9.20 40.38
C TRP A 188 -24.75 -8.84 41.38
N LYS A 189 -25.52 -9.85 41.81
CA LYS A 189 -26.62 -9.61 42.76
C LYS A 189 -26.10 -9.35 44.16
N SER A 190 -25.02 -10.03 44.55
CA SER A 190 -24.63 -10.03 45.95
C SER A 190 -23.80 -8.82 46.33
N HIS A 191 -23.23 -8.10 45.37
CA HIS A 191 -22.55 -6.82 45.64
C HIS A 191 -23.53 -5.68 45.38
N ARG A 192 -23.37 -4.58 46.11
CA ARG A 192 -24.35 -3.51 45.93
C ARG A 192 -23.98 -2.53 44.83
N SER A 193 -22.74 -2.55 44.32
CA SER A 193 -22.42 -1.70 43.18
C SER A 193 -21.09 -2.09 42.57
N TYR A 194 -20.94 -1.73 41.29
CA TYR A 194 -19.70 -1.88 40.56
C TYR A 194 -19.39 -0.55 39.87
N SER A 195 -18.10 -0.26 39.73
CA SER A 195 -17.63 0.93 39.03
C SER A 195 -16.46 0.55 38.13
N CYS A 196 -16.33 1.22 36.97
CA CYS A 196 -15.05 1.36 36.27
C CYS A 196 -14.61 2.81 36.45
N GLN A 197 -13.38 3.01 36.91
CA GLN A 197 -12.79 4.34 36.97
C GLN A 197 -11.72 4.44 35.89
N VAL A 198 -11.79 5.50 35.10
CA VAL A 198 -10.91 5.72 33.96
C VAL A 198 -10.02 6.91 34.30
N THR A 199 -8.72 6.68 34.38
CA THR A 199 -7.76 7.70 34.74
C THR A 199 -7.01 8.16 33.51
N HIS A 200 -7.00 9.47 33.29
CA HIS A 200 -6.47 10.03 32.06
C HIS A 200 -5.92 11.41 32.40
N GLU A 201 -4.62 11.59 32.18
CA GLU A 201 -3.94 12.86 32.43
C GLU A 201 -4.15 13.31 33.87
N GLY A 202 -3.98 12.38 34.81
CA GLY A 202 -4.15 12.64 36.22
C GLY A 202 -5.58 12.78 36.70
N SER A 203 -6.53 13.06 35.81
CA SER A 203 -7.91 13.27 36.21
C SER A 203 -8.72 11.98 36.01
N THR A 204 -9.49 11.60 37.03
CA THR A 204 -10.23 10.35 37.06
C THR A 204 -11.72 10.61 36.91
N VAL A 205 -12.36 9.87 36.00
CA VAL A 205 -13.80 9.95 35.78
C VAL A 205 -14.37 8.55 35.96
N GLU A 206 -15.43 8.43 36.75
CA GLU A 206 -15.92 7.13 37.15
C GLU A 206 -17.43 7.02 36.95
N LYS A 207 -17.89 5.84 36.54
CA LYS A 207 -19.31 5.54 36.40
C LYS A 207 -19.66 4.30 37.21
N THR A 208 -20.92 4.21 37.60
CA THR A 208 -21.34 3.22 38.57
C THR A 208 -22.68 2.61 38.16
N VAL A 209 -22.81 1.29 38.34
CA VAL A 209 -24.10 0.62 38.16
C VAL A 209 -24.34 -0.29 39.35
N ALA A 210 -25.61 -0.56 39.59
CA ALA A 210 -26.03 -1.33 40.74
C ALA A 210 -27.21 -2.20 40.32
N PRO A 211 -27.32 -3.39 40.88
CA PRO A 211 -28.45 -4.26 40.51
C PRO A 211 -29.78 -3.75 41.02
N THR A 212 -29.78 -2.67 41.82
CA THR A 212 -31.00 -2.00 42.25
C THR A 212 -31.69 -1.25 41.10
N GLU A 213 -30.93 -0.79 40.12
CA GLU A 213 -31.51 0.04 39.07
C GLU A 213 -31.73 -0.74 37.77
N GLN B 1 -15.17 0.31 -11.69
CA GLN B 1 -15.79 -0.89 -11.12
C GLN B 1 -14.76 -2.02 -11.05
N VAL B 2 -13.50 -1.62 -10.95
CA VAL B 2 -12.40 -2.57 -10.82
C VAL B 2 -12.50 -3.24 -9.46
N GLN B 3 -12.78 -4.52 -9.45
CA GLN B 3 -12.94 -5.27 -8.22
C GLN B 3 -11.90 -6.37 -8.11
N LEU B 4 -11.41 -6.56 -6.89
CA LEU B 4 -10.72 -7.80 -6.52
C LEU B 4 -11.41 -8.31 -5.26
N VAL B 5 -12.09 -9.43 -5.39
CA VAL B 5 -12.85 -10.04 -4.30
C VAL B 5 -12.22 -11.38 -3.97
N GLU B 6 -11.64 -11.48 -2.80
CA GLU B 6 -10.95 -12.70 -2.41
C GLU B 6 -11.68 -13.39 -1.26
N SER B 7 -11.52 -14.71 -1.22
CA SER B 7 -12.24 -15.57 -0.27
C SER B 7 -11.44 -16.85 -0.10
N GLY B 8 -11.89 -17.71 0.80
CA GLY B 8 -11.19 -18.92 1.15
C GLY B 8 -10.64 -18.92 2.56
N GLY B 9 -10.60 -17.77 3.22
CA GLY B 9 -10.09 -17.66 4.56
C GLY B 9 -10.93 -18.43 5.56
N GLY B 10 -10.52 -18.33 6.83
CA GLY B 10 -11.10 -19.08 7.91
C GLY B 10 -10.03 -19.86 8.65
N VAL B 11 -10.49 -20.81 9.47
CA VAL B 11 -9.66 -21.53 10.41
C VAL B 11 -9.20 -22.85 9.78
N VAL B 12 -7.91 -23.16 9.91
CA VAL B 12 -7.36 -24.44 9.48
C VAL B 12 -6.54 -25.05 10.61
N GLN B 13 -6.81 -26.30 10.91
CA GLN B 13 -5.96 -27.12 11.75
C GLN B 13 -4.51 -26.98 11.27
N PRO B 14 -3.53 -26.85 12.17
CA PRO B 14 -2.14 -26.78 11.72
C PRO B 14 -1.75 -28.04 10.96
N GLY B 15 -0.82 -27.88 10.01
CA GLY B 15 -0.37 -28.95 9.15
C GLY B 15 -1.25 -29.22 7.95
N ARG B 16 -2.56 -28.94 8.05
CA ARG B 16 -3.41 -29.18 6.90
C ARG B 16 -3.26 -28.03 5.90
N SER B 17 -4.01 -28.09 4.80
CA SER B 17 -3.90 -27.18 3.67
C SER B 17 -5.11 -26.24 3.63
N LEU B 18 -5.10 -25.34 2.65
CA LEU B 18 -6.09 -24.28 2.48
C LEU B 18 -5.85 -23.61 1.13
N ARG B 19 -6.93 -23.25 0.42
CA ARG B 19 -6.81 -22.61 -0.89
C ARG B 19 -7.51 -21.26 -0.91
N LEU B 20 -6.77 -20.21 -1.22
CA LEU B 20 -7.36 -18.88 -1.39
C LEU B 20 -7.74 -18.61 -2.84
N SER B 21 -8.81 -17.84 -3.01
CA SER B 21 -9.24 -17.41 -4.33
C SER B 21 -9.30 -15.89 -4.39
N CYS B 22 -9.16 -15.35 -5.59
CA CYS B 22 -9.22 -13.90 -5.80
C CYS B 22 -9.86 -13.72 -7.18
N ALA B 23 -11.10 -13.25 -7.18
CA ALA B 23 -11.87 -13.05 -8.39
C ALA B 23 -11.80 -11.58 -8.78
N ALA B 24 -11.36 -11.32 -10.02
CA ALA B 24 -11.21 -9.99 -10.59
C ALA B 24 -12.34 -9.72 -11.56
N SER B 25 -12.73 -8.45 -11.69
CA SER B 25 -13.83 -8.25 -12.62
C SER B 25 -13.77 -6.97 -13.43
N GLY B 26 -13.13 -5.93 -12.93
CA GLY B 26 -13.42 -4.75 -13.73
C GLY B 26 -12.48 -4.43 -14.86
N PHE B 27 -11.65 -5.38 -15.29
CA PHE B 27 -10.54 -5.05 -16.18
C PHE B 27 -10.05 -6.34 -16.83
N THR B 28 -9.04 -6.19 -17.69
CA THR B 28 -8.49 -7.31 -18.44
C THR B 28 -7.46 -8.03 -17.58
N PHE B 29 -7.98 -8.78 -16.62
CA PHE B 29 -7.17 -9.57 -15.71
C PHE B 29 -6.12 -10.40 -16.43
N SER B 30 -6.41 -10.83 -17.66
CA SER B 30 -5.46 -11.72 -18.36
C SER B 30 -4.13 -11.02 -18.66
N SER B 31 -4.08 -9.69 -18.66
CA SER B 31 -2.96 -8.85 -19.07
C SER B 31 -2.00 -8.43 -17.94
N TYR B 32 -2.25 -8.83 -16.70
CA TYR B 32 -1.55 -8.28 -15.55
C TYR B 32 -0.98 -9.38 -14.69
N ALA B 33 0.27 -9.20 -14.26
CA ALA B 33 0.78 -10.00 -13.15
C ALA B 33 -0.04 -9.72 -11.89
N MET B 34 -0.19 -10.77 -11.05
CA MET B 34 -0.90 -10.68 -9.79
C MET B 34 0.01 -11.08 -8.64
N HIS B 35 -0.16 -10.43 -7.48
CA HIS B 35 0.63 -10.72 -6.29
C HIS B 35 -0.25 -11.24 -5.16
N TRP B 36 0.39 -11.90 -4.21
CA TRP B 36 -0.17 -12.20 -2.90
C TRP B 36 0.71 -11.57 -1.84
N VAL B 37 0.12 -10.88 -0.86
CA VAL B 37 0.90 -10.35 0.25
C VAL B 37 0.13 -10.63 1.54
N ARG B 38 0.85 -11.00 2.58
CA ARG B 38 0.25 -11.33 3.86
C ARG B 38 0.58 -10.23 4.86
N GLN B 39 -0.27 -10.12 5.89
CA GLN B 39 0.04 -9.26 7.03
C GLN B 39 -0.53 -9.89 8.30
N ALA B 40 0.33 -10.29 9.21
CA ALA B 40 -0.13 -10.72 10.53
C ALA B 40 -0.63 -9.50 11.32
N PRO B 41 -1.65 -9.67 12.16
CA PRO B 41 -2.22 -8.52 12.90
C PRO B 41 -1.18 -7.76 13.70
N GLY B 42 -1.08 -6.45 13.43
CA GLY B 42 -0.13 -5.59 14.11
C GLY B 42 1.30 -5.66 13.64
N LYS B 43 1.55 -6.20 12.45
CA LYS B 43 2.93 -6.41 12.01
C LYS B 43 3.05 -6.05 10.54
N GLY B 44 4.27 -6.06 10.01
CA GLY B 44 4.52 -5.54 8.69
C GLY B 44 4.00 -6.42 7.55
N LEU B 45 3.81 -5.79 6.40
CA LEU B 45 3.48 -6.51 5.18
C LEU B 45 4.62 -7.44 4.80
N GLU B 46 4.28 -8.68 4.44
CA GLU B 46 5.25 -9.64 3.92
C GLU B 46 4.78 -10.09 2.53
N TRP B 47 5.58 -9.79 1.52
CA TRP B 47 5.36 -10.30 0.17
C TRP B 47 5.45 -11.83 0.18
N VAL B 48 4.57 -12.49 -0.57
CA VAL B 48 4.46 -13.94 -0.60
C VAL B 48 4.89 -14.53 -1.94
N ALA B 49 4.43 -13.92 -3.05
CA ALA B 49 4.51 -14.54 -4.37
C ALA B 49 3.89 -13.62 -5.42
N LEU B 50 4.33 -13.83 -6.67
CA LEU B 50 3.71 -13.24 -7.85
C LEU B 50 3.66 -14.29 -8.94
N ILE B 51 2.79 -14.06 -9.90
CA ILE B 51 2.64 -14.90 -11.07
C ILE B 51 2.52 -13.95 -12.25
N SER B 52 3.26 -14.23 -13.30
CA SER B 52 3.17 -13.31 -14.42
C SER B 52 1.83 -13.52 -15.11
N TYR B 53 1.51 -12.62 -16.04
CA TYR B 53 0.24 -12.75 -16.74
C TYR B 53 0.12 -14.09 -17.47
N ASP B 54 1.16 -14.96 -17.36
CA ASP B 54 1.27 -16.34 -17.90
C ASP B 54 2.61 -17.03 -17.56
N GLY B 55 2.63 -18.00 -16.63
CA GLY B 55 3.82 -18.82 -16.38
C GLY B 55 5.18 -18.19 -16.05
N SER B 56 5.31 -17.61 -14.85
CA SER B 56 6.60 -17.11 -14.34
C SER B 56 6.36 -16.77 -12.87
N ASN B 57 6.62 -17.73 -11.99
CA ASN B 57 6.13 -17.69 -10.63
C ASN B 57 7.32 -17.42 -9.71
N LYS B 58 7.24 -16.36 -8.92
CA LYS B 58 8.28 -16.09 -7.94
C LYS B 58 7.69 -16.22 -6.54
N TYR B 59 8.49 -16.75 -5.59
CA TYR B 59 7.99 -16.99 -4.23
C TYR B 59 8.93 -16.39 -3.19
N ALA B 60 8.34 -15.95 -2.08
CA ALA B 60 9.11 -15.61 -0.89
C ALA B 60 9.77 -16.86 -0.32
N ASP B 61 10.96 -16.66 0.28
CA ASP B 61 11.66 -17.77 0.91
C ASP B 61 10.82 -18.40 2.02
N SER B 62 10.11 -17.58 2.79
CA SER B 62 9.40 -18.12 3.95
C SER B 62 8.26 -19.07 3.61
N VAL B 63 7.94 -19.27 2.32
CA VAL B 63 6.83 -20.12 1.91
C VAL B 63 7.23 -21.02 0.73
N LYS B 64 8.50 -20.96 0.32
CA LYS B 64 8.86 -21.44 -1.02
C LYS B 64 8.51 -22.91 -1.25
N GLY B 65 8.55 -23.75 -0.21
CA GLY B 65 8.24 -25.14 -0.50
C GLY B 65 6.78 -25.55 -0.32
N ARG B 66 5.94 -24.66 0.26
CA ARG B 66 4.60 -25.02 0.67
C ARG B 66 3.48 -24.32 -0.10
N PHE B 67 3.72 -23.13 -0.63
CA PHE B 67 2.68 -22.39 -1.33
C PHE B 67 2.89 -22.49 -2.83
N THR B 68 1.78 -22.55 -3.57
CA THR B 68 1.82 -22.48 -5.03
C THR B 68 0.75 -21.49 -5.52
N ILE B 69 1.17 -20.57 -6.40
CA ILE B 69 0.28 -19.55 -6.97
C ILE B 69 -0.22 -20.03 -8.34
N SER B 70 -1.51 -19.77 -8.62
CA SER B 70 -2.14 -20.22 -9.86
C SER B 70 -3.01 -19.10 -10.43
N ARG B 71 -3.22 -19.16 -11.74
CA ARG B 71 -4.19 -18.32 -12.42
C ARG B 71 -5.12 -19.22 -13.21
N ASP B 72 -6.37 -18.78 -13.36
CA ASP B 72 -7.23 -19.30 -14.41
C ASP B 72 -7.77 -18.09 -15.16
N ASN B 73 -7.13 -17.76 -16.30
CA ASN B 73 -7.43 -16.48 -16.93
C ASN B 73 -8.84 -16.46 -17.50
N SER B 74 -9.37 -17.60 -17.95
CA SER B 74 -10.72 -17.68 -18.47
C SER B 74 -11.80 -17.59 -17.39
N LYS B 75 -11.43 -17.72 -16.13
CA LYS B 75 -12.33 -17.44 -15.02
C LYS B 75 -11.96 -16.16 -14.30
N ASN B 76 -10.92 -15.45 -14.76
CA ASN B 76 -10.49 -14.17 -14.18
C ASN B 76 -10.15 -14.31 -12.69
N THR B 77 -9.52 -15.42 -12.32
CA THR B 77 -9.35 -15.78 -10.91
C THR B 77 -7.90 -16.10 -10.60
N LEU B 78 -7.43 -15.58 -9.48
CA LEU B 78 -6.11 -15.86 -8.92
C LEU B 78 -6.24 -16.82 -7.76
N TYR B 79 -5.33 -17.79 -7.66
CA TYR B 79 -5.40 -18.78 -6.59
C TYR B 79 -4.11 -18.81 -5.77
N LEU B 80 -4.22 -19.36 -4.57
CA LEU B 80 -3.07 -19.54 -3.69
C LEU B 80 -3.29 -20.81 -2.88
N GLN B 81 -2.59 -21.88 -3.23
CA GLN B 81 -2.65 -23.15 -2.50
C GLN B 81 -1.61 -23.17 -1.40
N MET B 82 -2.04 -23.40 -0.17
CA MET B 82 -1.18 -23.39 1.00
C MET B 82 -1.13 -24.77 1.63
N ASN B 83 0.07 -25.24 1.97
CA ASN B 83 0.27 -26.58 2.53
C ASN B 83 1.15 -26.53 3.76
N SER B 84 1.08 -27.59 4.56
CA SER B 84 1.86 -27.69 5.80
C SER B 84 1.79 -26.39 6.58
N LEU B 85 0.56 -25.94 6.84
CA LEU B 85 0.35 -24.63 7.43
C LEU B 85 0.79 -24.62 8.90
N ARG B 86 1.40 -23.52 9.28
CA ARG B 86 2.07 -23.36 10.56
C ARG B 86 1.51 -22.10 11.22
N ALA B 87 1.55 -22.07 12.56
CA ALA B 87 0.95 -20.95 13.30
C ALA B 87 1.43 -19.60 12.80
N GLU B 88 2.67 -19.51 12.32
CA GLU B 88 3.18 -18.23 11.82
C GLU B 88 2.64 -17.87 10.45
N ASP B 89 1.92 -18.78 9.80
CA ASP B 89 1.24 -18.47 8.56
C ASP B 89 -0.04 -17.66 8.79
N THR B 90 -0.41 -17.42 10.05
CA THR B 90 -1.63 -16.69 10.35
C THR B 90 -1.45 -15.22 9.95
N ALA B 91 -2.30 -14.75 9.05
CA ALA B 91 -2.23 -13.36 8.59
C ALA B 91 -3.49 -13.02 7.82
N VAL B 92 -3.60 -11.76 7.43
CA VAL B 92 -4.55 -11.35 6.41
C VAL B 92 -3.85 -11.42 5.05
N TYR B 93 -4.45 -12.15 4.11
CA TYR B 93 -3.84 -12.35 2.79
C TYR B 93 -4.52 -11.44 1.78
N TYR B 94 -3.74 -10.55 1.16
CA TYR B 94 -4.20 -9.68 0.09
C TYR B 94 -3.71 -10.18 -1.27
N CYS B 95 -4.56 -10.10 -2.29
CA CYS B 95 -4.08 -10.13 -3.67
C CYS B 95 -3.97 -8.70 -4.17
N ALA B 96 -3.16 -8.51 -5.20
CA ALA B 96 -2.92 -7.16 -5.69
C ALA B 96 -2.32 -7.23 -7.10
N ARG B 97 -2.65 -6.23 -7.90
CA ARG B 97 -2.27 -6.14 -9.31
C ARG B 97 -0.91 -5.47 -9.47
N GLY B 98 -0.16 -5.94 -10.48
CA GLY B 98 1.09 -5.28 -10.84
C GLY B 98 0.84 -3.85 -11.32
N LEU B 99 1.89 -3.04 -11.26
CA LEU B 99 1.75 -1.62 -11.54
C LEU B 99 1.23 -1.38 -12.95
N GLY B 100 1.67 -2.18 -13.91
CA GLY B 100 1.30 -1.96 -15.29
C GLY B 100 1.03 -3.26 -16.03
N LEU B 101 0.74 -3.11 -17.31
CA LEU B 101 0.50 -4.23 -18.20
C LEU B 101 1.74 -5.12 -18.32
N ARG B 102 1.51 -6.37 -18.77
CA ARG B 102 2.56 -7.30 -19.15
C ARG B 102 3.70 -7.32 -18.15
N PHE B 103 4.83 -6.73 -18.57
CA PHE B 103 6.11 -6.84 -17.88
C PHE B 103 6.25 -5.94 -16.66
N LEU B 104 5.53 -4.82 -16.57
CA LEU B 104 5.52 -4.08 -15.31
C LEU B 104 4.84 -4.86 -14.19
N GLU B 105 5.40 -6.01 -13.82
CA GLU B 105 4.79 -6.83 -12.78
C GLU B 105 5.08 -6.30 -11.38
N TRP B 106 6.12 -5.49 -11.25
CA TRP B 106 6.63 -5.00 -10.00
C TRP B 106 7.05 -3.57 -10.28
N PRO B 107 6.78 -2.63 -9.37
CA PRO B 107 6.15 -2.83 -8.06
C PRO B 107 4.64 -3.09 -8.14
N ILE B 108 3.99 -3.25 -6.96
CA ILE B 108 2.55 -3.47 -6.86
C ILE B 108 1.82 -2.12 -6.95
N SER B 109 0.57 -2.16 -7.46
CA SER B 109 -0.12 -1.04 -8.11
C SER B 109 -1.13 -0.26 -7.27
N SER B 110 -1.35 -0.60 -6.01
CA SER B 110 -2.44 -0.03 -5.19
C SER B 110 -3.86 -0.32 -5.74
N TYR B 111 -4.01 -1.33 -6.62
CA TYR B 111 -5.27 -2.04 -6.84
C TYR B 111 -5.18 -3.36 -6.06
N TRP B 112 -5.72 -3.38 -4.86
CA TRP B 112 -5.63 -4.55 -4.01
C TRP B 112 -7.01 -5.12 -3.73
N GLY B 113 -7.04 -6.37 -3.30
CA GLY B 113 -8.27 -6.97 -2.82
C GLY B 113 -8.59 -6.58 -1.38
N GLN B 114 -9.76 -7.06 -0.93
CA GLN B 114 -10.28 -6.79 0.40
C GLN B 114 -9.39 -7.32 1.51
N GLY B 115 -8.66 -8.41 1.26
CA GLY B 115 -7.93 -9.14 2.29
C GLY B 115 -8.82 -10.21 2.89
N THR B 116 -8.32 -11.42 3.15
CA THR B 116 -9.06 -12.43 3.88
C THR B 116 -8.16 -12.99 4.98
N LEU B 117 -8.77 -13.29 6.14
CA LEU B 117 -8.01 -13.68 7.33
C LEU B 117 -7.90 -15.20 7.41
N VAL B 118 -6.66 -15.68 7.45
CA VAL B 118 -6.35 -17.10 7.65
C VAL B 118 -5.92 -17.28 9.09
N THR B 119 -6.54 -18.24 9.78
CA THR B 119 -6.18 -18.59 11.16
C THR B 119 -5.73 -20.04 11.20
N VAL B 120 -4.50 -20.28 11.66
CA VAL B 120 -3.96 -21.62 11.80
C VAL B 120 -3.97 -21.95 13.28
N SER B 121 -4.93 -22.76 13.70
CA SER B 121 -5.01 -23.15 15.10
C SER B 121 -5.93 -24.36 15.23
N SER B 122 -5.80 -25.05 16.35
CA SER B 122 -6.67 -26.17 16.60
C SER B 122 -8.03 -25.73 17.10
N ALA B 123 -8.17 -24.47 17.50
CA ALA B 123 -9.41 -23.94 18.02
C ALA B 123 -10.52 -24.07 16.98
N SER B 124 -11.73 -24.36 17.46
CA SER B 124 -12.88 -24.49 16.58
C SER B 124 -13.66 -23.18 16.52
N THR B 125 -14.26 -22.93 15.36
CA THR B 125 -14.96 -21.68 15.15
C THR B 125 -16.26 -21.64 15.96
N LYS B 126 -16.51 -20.51 16.63
CA LYS B 126 -17.72 -20.36 17.43
C LYS B 126 -18.46 -19.07 17.07
N GLY B 127 -19.79 -19.19 16.86
CA GLY B 127 -20.65 -18.04 16.67
C GLY B 127 -20.87 -17.25 17.95
N PRO B 128 -21.12 -15.94 17.84
CA PRO B 128 -21.37 -15.13 19.03
C PRO B 128 -22.78 -15.28 19.57
N SER B 129 -22.90 -15.03 20.87
CA SER B 129 -24.18 -14.63 21.46
C SER B 129 -24.28 -13.11 21.42
N VAL B 130 -25.51 -12.61 21.35
CA VAL B 130 -25.76 -11.18 21.17
C VAL B 130 -26.80 -10.73 22.17
N PHE B 131 -26.41 -9.82 23.04
CA PHE B 131 -27.23 -9.27 24.08
C PHE B 131 -27.43 -7.77 23.88
N PRO B 132 -28.63 -7.27 24.12
CA PRO B 132 -28.86 -5.82 24.00
C PRO B 132 -28.33 -5.10 25.23
N LEU B 133 -27.78 -3.90 24.99
CA LEU B 133 -27.36 -2.97 26.04
C LEU B 133 -28.39 -1.83 26.09
N ALA B 134 -29.35 -1.95 26.98
CA ALA B 134 -30.48 -1.00 27.00
C ALA B 134 -30.05 0.36 27.55
N PRO B 135 -30.65 1.45 27.04
CA PRO B 135 -30.34 2.83 27.48
C PRO B 135 -30.82 3.14 28.88
N GLY B 143 -27.94 15.92 26.21
CA GLY B 143 -29.29 15.40 26.14
C GLY B 143 -29.46 14.13 25.30
N THR B 144 -28.53 13.19 25.43
CA THR B 144 -28.55 11.96 24.64
C THR B 144 -28.55 10.74 25.54
N ALA B 145 -28.91 9.60 24.96
CA ALA B 145 -28.75 8.30 25.60
C ALA B 145 -27.84 7.43 24.75
N ALA B 146 -27.16 6.50 25.41
CA ALA B 146 -26.37 5.46 24.75
C ALA B 146 -27.13 4.14 24.85
N LEU B 147 -27.06 3.34 23.78
CA LEU B 147 -27.63 1.99 23.74
C LEU B 147 -26.81 1.19 22.74
N GLY B 148 -26.86 -0.12 22.86
CA GLY B 148 -26.06 -0.92 21.96
C GLY B 148 -26.32 -2.40 22.04
N CYS B 149 -25.36 -3.14 21.52
CA CYS B 149 -25.37 -4.60 21.48
C CYS B 149 -24.03 -5.12 21.95
N LEU B 150 -24.06 -6.09 22.84
CA LEU B 150 -22.87 -6.76 23.28
C LEU B 150 -22.71 -8.02 22.44
N VAL B 151 -21.61 -8.13 21.72
CA VAL B 151 -21.34 -9.25 20.83
C VAL B 151 -20.30 -10.12 21.48
N LYS B 152 -20.71 -11.30 21.94
CA LYS B 152 -20.06 -12.03 23.02
C LYS B 152 -19.59 -13.40 22.57
N ASP B 153 -18.30 -13.69 22.78
CA ASP B 153 -17.72 -15.04 22.74
C ASP B 153 -17.79 -15.66 21.34
N TYR B 154 -17.01 -15.07 20.43
CA TYR B 154 -16.86 -15.61 19.08
C TYR B 154 -15.39 -15.81 18.77
N PHE B 155 -15.12 -16.61 17.73
CA PHE B 155 -13.78 -16.90 17.20
C PHE B 155 -13.91 -17.55 15.84
N PRO B 156 -13.13 -17.11 14.84
CA PRO B 156 -12.14 -16.05 14.95
C PRO B 156 -12.76 -14.72 14.61
N GLU B 157 -11.94 -13.67 14.54
CA GLU B 157 -12.36 -12.44 13.89
C GLU B 157 -12.70 -12.74 12.42
N PRO B 158 -13.57 -11.93 11.78
CA PRO B 158 -14.25 -10.77 12.37
C PRO B 158 -15.77 -10.95 12.44
N VAL B 159 -16.43 -9.97 13.07
CA VAL B 159 -17.88 -9.83 13.02
C VAL B 159 -18.18 -8.50 12.34
N THR B 160 -19.32 -8.43 11.68
CA THR B 160 -19.87 -7.19 11.17
C THR B 160 -21.02 -6.79 12.08
N VAL B 161 -21.26 -5.48 12.18
CA VAL B 161 -22.37 -4.96 12.96
C VAL B 161 -23.01 -3.81 12.19
N SER B 162 -24.32 -3.88 11.97
CA SER B 162 -25.02 -2.76 11.39
C SER B 162 -26.24 -2.44 12.27
N TRP B 163 -26.84 -1.29 12.03
CA TRP B 163 -28.03 -0.90 12.76
C TRP B 163 -29.16 -0.66 11.77
N ASN B 164 -30.33 -1.24 12.05
CA ASN B 164 -31.51 -1.17 11.18
C ASN B 164 -31.16 -1.50 9.73
N SER B 165 -30.46 -2.62 9.56
CA SER B 165 -30.05 -3.10 8.23
C SER B 165 -29.25 -2.05 7.48
N GLY B 166 -28.46 -1.25 8.20
CA GLY B 166 -27.71 -0.17 7.60
C GLY B 166 -28.46 1.14 7.42
N ALA B 167 -29.71 1.24 7.84
CA ALA B 167 -30.39 2.52 7.67
C ALA B 167 -29.99 3.57 8.72
N LEU B 168 -29.23 3.18 9.73
CA LEU B 168 -28.86 4.04 10.84
C LEU B 168 -27.33 4.15 10.90
N THR B 169 -26.83 5.39 10.77
CA THR B 169 -25.40 5.67 10.69
C THR B 169 -24.92 6.66 11.74
N SER B 170 -25.59 7.81 11.93
CA SER B 170 -25.20 8.77 12.95
C SER B 170 -25.14 8.14 14.34
N GLY B 171 -24.05 8.41 15.06
CA GLY B 171 -23.94 8.00 16.45
C GLY B 171 -23.45 6.59 16.65
N VAL B 172 -23.16 5.87 15.57
CA VAL B 172 -22.80 4.47 15.65
C VAL B 172 -21.29 4.35 15.79
N HIS B 173 -20.84 3.64 16.82
CA HIS B 173 -19.44 3.36 17.05
C HIS B 173 -19.34 1.91 17.49
N THR B 174 -18.81 1.07 16.61
CA THR B 174 -18.42 -0.30 16.93
C THR B 174 -16.99 -0.29 17.48
N PHE B 175 -16.81 -0.86 18.67
CA PHE B 175 -15.53 -0.89 19.33
C PHE B 175 -14.72 -2.10 18.89
N PRO B 176 -13.40 -1.98 18.90
CA PRO B 176 -12.53 -3.13 18.61
C PRO B 176 -12.73 -4.24 19.63
N ALA B 177 -12.50 -5.48 19.20
CA ALA B 177 -12.83 -6.61 20.03
C ALA B 177 -11.79 -6.80 21.13
N VAL B 178 -12.22 -7.41 22.21
CA VAL B 178 -11.32 -7.82 23.27
C VAL B 178 -11.16 -9.33 23.17
N LEU B 179 -9.99 -9.81 23.58
CA LEU B 179 -9.66 -11.22 23.54
C LEU B 179 -9.66 -11.75 24.97
N GLN B 180 -10.66 -12.57 25.29
CA GLN B 180 -10.68 -13.18 26.61
C GLN B 180 -9.60 -14.25 26.73
N SER B 181 -9.29 -14.61 27.99
CA SER B 181 -8.35 -15.70 28.23
C SER B 181 -8.86 -17.02 27.68
N SER B 182 -10.18 -17.17 27.52
CA SER B 182 -10.73 -18.32 26.83
C SER B 182 -10.27 -18.44 25.39
N GLY B 183 -9.66 -17.39 24.83
CA GLY B 183 -9.37 -17.35 23.42
C GLY B 183 -10.52 -16.88 22.54
N LEU B 184 -11.71 -16.67 23.11
CA LEU B 184 -12.83 -16.12 22.36
C LEU B 184 -12.79 -14.60 22.42
N TYR B 185 -13.40 -13.98 21.43
CA TYR B 185 -13.44 -12.53 21.34
C TYR B 185 -14.80 -12.01 21.82
N SER B 186 -14.82 -10.74 22.19
CA SER B 186 -16.07 -10.05 22.49
C SER B 186 -15.95 -8.60 22.04
N LEU B 187 -17.09 -8.02 21.67
CA LEU B 187 -17.14 -6.74 20.99
C LEU B 187 -18.43 -6.04 21.37
N SER B 188 -18.38 -4.72 21.50
CA SER B 188 -19.62 -3.97 21.66
C SER B 188 -19.76 -2.94 20.56
N SER B 189 -20.99 -2.77 20.09
CA SER B 189 -21.33 -1.67 19.19
C SER B 189 -22.33 -0.77 19.91
N VAL B 190 -22.06 0.53 19.91
CA VAL B 190 -22.88 1.44 20.67
C VAL B 190 -23.33 2.56 19.74
N VAL B 191 -24.55 3.05 19.98
CA VAL B 191 -25.10 4.17 19.23
C VAL B 191 -25.70 5.18 20.21
N THR B 192 -25.35 6.46 20.02
CA THR B 192 -25.86 7.53 20.86
C THR B 192 -27.03 8.21 20.17
N VAL B 193 -28.13 8.37 20.91
CA VAL B 193 -29.38 8.81 20.32
C VAL B 193 -29.90 9.97 21.16
N PRO B 194 -30.67 10.89 20.59
CA PRO B 194 -31.42 11.85 21.44
C PRO B 194 -32.34 11.11 22.39
N SER B 195 -32.34 11.55 23.65
CA SER B 195 -33.12 10.87 24.67
C SER B 195 -34.62 10.90 24.37
N SER B 196 -35.08 11.78 23.47
CA SER B 196 -36.52 11.89 23.22
C SER B 196 -37.05 10.86 22.22
N SER B 197 -36.18 10.26 21.40
CA SER B 197 -36.58 9.31 20.36
C SER B 197 -37.11 7.99 20.91
N LEU B 198 -36.72 7.63 22.14
CA LEU B 198 -36.88 6.25 22.60
C LEU B 198 -38.35 5.84 22.73
N GLY B 199 -39.26 6.81 22.78
CA GLY B 199 -40.67 6.48 22.83
C GLY B 199 -41.27 5.97 21.54
N THR B 200 -40.68 6.33 20.40
CA THR B 200 -41.30 6.15 19.11
C THR B 200 -40.48 5.29 18.16
N GLN B 201 -39.20 5.58 17.99
CA GLN B 201 -38.34 4.79 17.14
C GLN B 201 -37.47 3.76 17.83
N THR B 202 -37.09 2.81 16.98
CA THR B 202 -36.64 1.48 17.33
C THR B 202 -35.29 1.20 16.69
N TYR B 203 -34.54 0.32 17.35
CA TYR B 203 -33.13 0.10 17.09
C TYR B 203 -32.85 -1.39 17.05
N ILE B 204 -32.44 -1.89 15.89
CA ILE B 204 -32.12 -3.30 15.72
C ILE B 204 -30.65 -3.38 15.31
N CYS B 205 -29.84 -4.08 16.11
CA CYS B 205 -28.47 -4.38 15.69
C CYS B 205 -28.44 -5.68 14.91
N ASN B 206 -27.57 -5.72 13.90
CA ASN B 206 -27.47 -6.84 12.97
C ASN B 206 -26.04 -7.35 13.01
N VAL B 207 -25.87 -8.59 13.45
CA VAL B 207 -24.56 -9.17 13.71
C VAL B 207 -24.33 -10.30 12.72
N ASN B 208 -23.31 -10.17 11.87
CA ASN B 208 -22.91 -11.22 10.96
C ASN B 208 -21.52 -11.73 11.32
N HIS B 209 -21.41 -13.03 11.59
CA HIS B 209 -20.15 -13.72 11.82
C HIS B 209 -19.99 -14.73 10.68
N LYS B 210 -19.31 -14.29 9.61
CA LYS B 210 -19.29 -15.14 8.42
C LYS B 210 -18.47 -16.42 8.62
N PRO B 211 -17.40 -16.46 9.44
CA PRO B 211 -16.79 -17.76 9.82
C PRO B 211 -17.75 -18.81 10.35
N SER B 212 -18.71 -18.45 11.22
CA SER B 212 -19.76 -19.34 11.73
C SER B 212 -20.92 -19.47 10.77
N ASN B 213 -21.07 -18.51 9.85
CA ASN B 213 -22.21 -18.40 8.95
C ASN B 213 -23.52 -18.34 9.74
N THR B 214 -23.54 -17.36 10.66
CA THR B 214 -24.61 -17.04 11.59
C THR B 214 -24.92 -15.56 11.48
N LYS B 215 -26.21 -15.22 11.40
CA LYS B 215 -26.67 -13.83 11.39
C LYS B 215 -27.64 -13.68 12.55
N VAL B 216 -27.35 -12.77 13.47
CA VAL B 216 -28.20 -12.53 14.63
C VAL B 216 -28.66 -11.09 14.62
N ASP B 217 -29.93 -10.89 14.99
CA ASP B 217 -30.54 -9.58 15.08
C ASP B 217 -31.19 -9.42 16.45
N LYS B 218 -31.02 -8.25 17.06
CA LYS B 218 -31.55 -8.01 18.41
C LYS B 218 -32.15 -6.62 18.50
N ARG B 219 -33.44 -6.57 18.80
CA ARG B 219 -34.08 -5.31 19.13
C ARG B 219 -33.57 -4.83 20.47
N VAL B 220 -33.34 -3.53 20.61
CA VAL B 220 -32.82 -2.96 21.86
C VAL B 220 -33.85 -1.96 22.36
N GLU B 221 -34.43 -2.24 23.51
CA GLU B 221 -35.59 -1.48 23.95
C GLU B 221 -35.25 -0.81 25.26
N PRO B 222 -36.01 0.21 25.65
CA PRO B 222 -35.86 0.78 26.99
C PRO B 222 -36.23 -0.23 28.07
N LYS B 223 -35.65 -0.05 29.25
CA LYS B 223 -36.04 -0.80 30.44
C LYS B 223 -37.49 -0.49 30.83
N PRO C 1 33.01 16.79 -18.56
CA PRO C 1 32.54 15.69 -17.71
C PRO C 1 31.94 14.52 -18.49
N PHE C 2 32.71 13.95 -19.42
CA PHE C 2 32.29 12.78 -20.17
C PHE C 2 32.36 11.50 -19.36
N GLY C 3 32.79 11.58 -18.10
CA GLY C 3 32.81 10.40 -17.27
C GLY C 3 31.45 10.15 -16.66
N GLU C 4 30.87 11.20 -16.07
CA GLU C 4 29.53 11.10 -15.49
C GLU C 4 28.52 10.47 -16.45
N VAL C 5 28.76 10.59 -17.75
CA VAL C 5 27.74 10.29 -18.74
C VAL C 5 27.92 8.88 -19.29
N PHE C 6 29.08 8.64 -19.94
CA PHE C 6 29.28 7.40 -20.67
C PHE C 6 29.51 6.21 -19.75
N ASN C 7 30.10 6.44 -18.57
CA ASN C 7 30.50 5.36 -17.69
C ASN C 7 29.61 5.25 -16.45
N ALA C 8 28.53 6.02 -16.37
CA ALA C 8 27.64 5.94 -15.21
C ALA C 8 27.22 4.50 -14.98
N THR C 9 27.21 4.10 -13.70
CA THR C 9 26.74 2.77 -13.33
C THR C 9 25.35 2.49 -13.90
N ARG C 10 24.50 3.52 -13.92
CA ARG C 10 23.12 3.42 -14.37
C ARG C 10 22.83 4.54 -15.35
N PHE C 11 21.90 4.27 -16.28
CA PHE C 11 21.35 5.23 -17.21
C PHE C 11 19.88 5.43 -16.86
N ALA C 12 19.34 6.57 -17.29
CA ALA C 12 17.93 6.86 -17.12
C ALA C 12 17.07 5.97 -18.01
N SER C 13 15.80 5.78 -17.60
CA SER C 13 14.77 5.29 -18.51
C SER C 13 14.51 6.30 -19.61
N VAL C 14 14.17 5.78 -20.79
CA VAL C 14 14.05 6.64 -21.97
C VAL C 14 12.95 7.67 -21.79
N TYR C 15 11.84 7.30 -21.15
CA TYR C 15 10.76 8.28 -20.97
C TYR C 15 11.19 9.39 -20.03
N ALA C 16 12.05 9.08 -19.05
CA ALA C 16 12.52 10.09 -18.12
C ALA C 16 13.99 10.40 -18.39
N TRP C 17 14.32 10.62 -19.67
CA TRP C 17 15.73 10.73 -20.06
C TRP C 17 16.42 11.86 -19.28
N ASN C 18 17.71 11.66 -19.03
CA ASN C 18 18.60 12.57 -18.33
C ASN C 18 19.20 13.60 -19.28
N ARG C 19 19.48 14.79 -18.74
CA ARG C 19 20.12 15.88 -19.48
C ARG C 19 21.26 16.44 -18.63
N LYS C 20 22.46 16.49 -19.21
CA LYS C 20 23.63 17.11 -18.60
C LYS C 20 24.12 18.23 -19.49
N ARG C 21 24.30 19.41 -18.90
CA ARG C 21 24.86 20.53 -19.64
C ARG C 21 26.35 20.32 -19.75
N ILE C 22 26.87 20.42 -20.96
CA ILE C 22 28.29 20.24 -21.14
C ILE C 22 28.86 21.62 -21.39
N SER C 23 28.63 22.14 -22.59
CA SER C 23 29.09 23.47 -22.98
C SER C 23 30.59 23.66 -22.71
N ASN C 24 30.99 23.68 -21.44
CA ASN C 24 32.21 24.33 -21.00
C ASN C 24 33.40 23.40 -20.78
N CYS C 25 33.31 22.12 -21.16
CA CYS C 25 34.47 21.25 -20.92
C CYS C 25 35.54 21.44 -22.00
N VAL C 26 36.36 20.42 -22.23
CA VAL C 26 37.18 20.32 -23.42
C VAL C 26 37.03 18.88 -23.94
N ALA C 27 36.53 18.75 -25.17
CA ALA C 27 36.03 17.47 -25.67
C ALA C 27 36.78 17.10 -26.94
N ASP C 28 37.64 16.09 -26.83
CA ASP C 28 38.15 15.48 -28.06
C ASP C 28 37.04 14.58 -28.58
N TYR C 29 36.20 15.12 -29.46
CA TYR C 29 35.17 14.28 -30.03
C TYR C 29 35.76 13.23 -30.94
N SER C 30 36.95 13.50 -31.51
CA SER C 30 37.53 12.56 -32.46
C SER C 30 37.91 11.26 -31.79
N VAL C 31 38.20 11.28 -30.49
CA VAL C 31 38.58 10.03 -29.85
C VAL C 31 37.34 9.17 -29.68
N LEU C 32 36.21 9.78 -29.40
CA LEU C 32 34.94 9.07 -29.38
C LEU C 32 34.58 8.53 -30.76
N TYR C 33 34.79 9.32 -31.81
CA TYR C 33 34.41 8.81 -33.13
C TYR C 33 35.19 7.54 -33.50
N ASN C 34 36.41 7.37 -32.99
CA ASN C 34 37.28 6.20 -33.21
C ASN C 34 37.08 4.98 -32.33
N SER C 35 36.19 4.97 -31.36
CA SER C 35 36.26 3.91 -30.36
C SER C 35 36.13 2.52 -31.01
N ALA C 36 35.06 2.29 -31.76
CA ALA C 36 34.57 0.99 -32.22
C ALA C 36 33.92 0.21 -31.08
N SER C 37 34.02 0.66 -29.83
CA SER C 37 33.09 0.21 -28.82
C SER C 37 31.71 0.84 -28.98
N PHE C 38 31.57 1.86 -29.85
CA PHE C 38 30.30 2.49 -30.13
C PHE C 38 29.71 1.90 -31.41
N SER C 39 28.63 1.11 -31.27
CA SER C 39 27.91 0.51 -32.39
C SER C 39 27.37 1.56 -33.35
N THR C 40 27.18 2.80 -32.87
CA THR C 40 26.47 3.83 -33.59
C THR C 40 27.15 5.16 -33.34
N PHE C 41 27.29 5.97 -34.39
CA PHE C 41 27.86 7.30 -34.23
C PHE C 41 27.50 8.15 -35.45
N LYS C 42 26.25 8.62 -35.52
CA LYS C 42 25.76 9.50 -36.57
C LYS C 42 25.79 10.94 -36.08
N CYS C 43 26.37 11.83 -36.87
CA CYS C 43 26.24 13.27 -36.67
C CYS C 43 25.28 13.84 -37.69
N TYR C 44 24.58 14.90 -37.31
CA TYR C 44 23.60 15.56 -38.17
C TYR C 44 23.86 17.06 -38.21
N GLY C 45 23.69 17.65 -39.39
CA GLY C 45 23.99 19.05 -39.60
C GLY C 45 25.43 19.47 -39.36
N VAL C 46 26.33 18.50 -39.27
CA VAL C 46 27.76 18.76 -39.06
C VAL C 46 28.49 17.43 -39.28
N SER C 47 29.74 17.47 -39.72
CA SER C 47 30.49 16.23 -39.91
C SER C 47 31.21 15.86 -38.62
N PRO C 48 31.68 14.61 -38.50
CA PRO C 48 32.51 14.25 -37.32
C PRO C 48 33.76 15.10 -37.19
N THR C 49 34.49 15.32 -38.27
CA THR C 49 35.44 16.43 -38.29
C THR C 49 34.67 17.74 -38.11
N LYS C 50 35.37 18.80 -37.72
CA LYS C 50 34.68 20.09 -37.51
C LYS C 50 33.57 19.98 -36.47
N LEU C 51 33.54 18.89 -35.71
CA LEU C 51 32.65 18.82 -34.56
C LEU C 51 33.17 19.64 -33.39
N ASN C 52 34.47 19.92 -33.36
CA ASN C 52 35.08 20.90 -32.46
C ASN C 52 34.94 22.31 -32.97
N ASP C 53 34.50 22.50 -34.21
CA ASP C 53 34.64 23.77 -34.90
C ASP C 53 33.31 24.50 -35.06
N LEU C 54 32.37 24.23 -34.19
CA LEU C 54 31.05 24.81 -34.36
C LEU C 54 30.77 25.69 -33.15
N CYS C 55 29.95 26.72 -33.34
CA CYS C 55 29.69 27.67 -32.27
C CYS C 55 28.22 27.80 -31.90
N PHE C 56 28.05 28.07 -30.61
CA PHE C 56 26.85 27.69 -29.89
C PHE C 56 26.80 28.53 -28.63
N THR C 57 25.63 28.50 -27.99
CA THR C 57 25.56 28.98 -26.61
C THR C 57 25.54 27.83 -25.61
N ASN C 58 25.01 26.67 -26.00
CA ASN C 58 24.84 25.56 -25.07
C ASN C 58 25.05 24.23 -25.79
N VAL C 59 25.65 23.29 -25.07
CA VAL C 59 25.73 21.91 -25.51
C VAL C 59 25.12 21.01 -24.43
N TYR C 60 24.36 20.01 -24.88
CA TYR C 60 23.71 19.08 -23.96
C TYR C 60 24.07 17.65 -24.35
N ALA C 61 24.25 16.81 -23.32
CA ALA C 61 24.39 15.37 -23.48
C ALA C 61 23.16 14.72 -22.85
N ASP C 62 22.27 14.20 -23.70
CA ASP C 62 21.09 13.45 -23.27
C ASP C 62 21.39 11.95 -23.26
N SER C 63 20.83 11.21 -22.29
CA SER C 63 21.21 9.80 -22.17
C SER C 63 20.08 8.94 -21.58
N PHE C 64 19.97 7.71 -22.08
CA PHE C 64 18.87 6.80 -21.72
C PHE C 64 19.18 5.40 -22.25
N VAL C 65 18.26 4.47 -21.98
CA VAL C 65 18.35 3.09 -22.46
C VAL C 65 17.13 2.74 -23.29
N ILE C 66 17.35 2.03 -24.39
CA ILE C 66 16.32 1.54 -25.30
C ILE C 66 16.79 0.20 -25.84
N ARG C 67 15.88 -0.55 -26.47
CA ARG C 67 16.34 -1.84 -26.95
C ARG C 67 16.91 -1.71 -28.35
N GLY C 68 17.71 -2.72 -28.72
CA GLY C 68 18.61 -2.58 -29.86
C GLY C 68 17.92 -2.06 -31.10
N ASP C 69 16.78 -2.65 -31.47
CA ASP C 69 16.14 -2.28 -32.71
C ASP C 69 15.36 -0.97 -32.63
N GLU C 70 15.51 -0.21 -31.54
CA GLU C 70 14.93 1.12 -31.45
C GLU C 70 15.96 2.23 -31.63
N VAL C 71 17.25 1.88 -31.78
CA VAL C 71 18.25 2.92 -31.98
C VAL C 71 18.02 3.70 -33.28
N ARG C 72 17.46 3.06 -34.30
CA ARG C 72 17.31 3.80 -35.55
C ARG C 72 16.27 4.91 -35.42
N GLN C 73 15.48 4.90 -34.33
CA GLN C 73 14.47 5.92 -34.11
C GLN C 73 15.04 7.19 -33.50
N ILE C 74 16.23 7.13 -32.91
CA ILE C 74 16.89 8.32 -32.39
C ILE C 74 17.63 8.98 -33.54
N ALA C 75 16.90 9.73 -34.36
CA ALA C 75 17.39 10.37 -35.57
C ALA C 75 16.29 11.32 -36.03
N PRO C 76 16.61 12.45 -36.67
CA PRO C 76 15.54 13.36 -37.11
C PRO C 76 14.60 12.66 -38.08
N GLY C 77 13.31 12.95 -37.94
CA GLY C 77 12.32 12.48 -38.90
C GLY C 77 11.98 11.01 -38.82
N GLN C 78 11.98 10.44 -37.61
CA GLN C 78 11.62 9.06 -37.41
C GLN C 78 10.24 8.95 -36.79
N THR C 79 9.65 7.77 -36.90
CA THR C 79 8.35 7.45 -36.32
C THR C 79 8.49 6.21 -35.44
N GLY C 80 7.48 5.94 -34.64
CA GLY C 80 7.51 4.84 -33.69
C GLY C 80 7.32 5.31 -32.26
N LYS C 81 7.09 4.33 -31.37
CA LYS C 81 6.73 4.67 -30.00
C LYS C 81 7.85 5.34 -29.20
N ILE C 82 9.11 5.20 -29.63
CA ILE C 82 10.19 5.89 -28.93
C ILE C 82 10.27 7.35 -29.39
N ALA C 83 10.29 7.58 -30.71
CA ALA C 83 10.33 8.94 -31.23
C ALA C 83 9.01 9.68 -31.03
N ASP C 84 7.88 8.95 -30.98
CA ASP C 84 6.63 9.64 -30.74
C ASP C 84 6.40 9.90 -29.26
N TYR C 85 6.70 8.93 -28.40
CA TYR C 85 6.25 9.01 -27.02
C TYR C 85 7.34 9.15 -25.97
N ASN C 86 8.62 9.20 -26.35
CA ASN C 86 9.69 9.13 -25.35
C ASN C 86 10.81 10.15 -25.58
N TYR C 87 11.43 10.15 -26.75
CA TYR C 87 12.54 11.07 -27.04
C TYR C 87 12.49 11.46 -28.51
N LYS C 88 12.25 12.74 -28.77
CA LYS C 88 11.96 13.23 -30.12
C LYS C 88 13.04 14.22 -30.53
N LEU C 89 13.84 13.84 -31.60
CA LEU C 89 14.77 14.80 -32.19
C LEU C 89 14.06 15.68 -33.21
N PRO C 90 14.52 16.92 -33.40
CA PRO C 90 13.93 17.79 -34.42
C PRO C 90 14.57 17.61 -35.79
N ASP C 91 13.86 18.10 -36.81
CA ASP C 91 14.28 17.88 -38.19
C ASP C 91 15.60 18.57 -38.49
N ASP C 92 15.84 19.76 -37.92
CA ASP C 92 17.04 20.55 -38.16
C ASP C 92 18.10 20.35 -37.08
N PHE C 93 18.11 19.17 -36.44
CA PHE C 93 19.05 18.88 -35.37
C PHE C 93 20.52 18.99 -35.83
N THR C 94 21.39 19.51 -34.94
CA THR C 94 22.83 19.49 -35.16
C THR C 94 23.50 18.87 -33.94
N GLY C 95 24.18 17.75 -34.13
CA GLY C 95 24.76 16.99 -33.04
C GLY C 95 24.94 15.54 -33.45
N CYS C 96 25.30 14.71 -32.47
CA CYS C 96 25.60 13.32 -32.78
C CYS C 96 24.85 12.40 -31.84
N VAL C 97 24.54 11.20 -32.37
CA VAL C 97 23.84 10.13 -31.68
C VAL C 97 24.82 8.98 -31.52
N ILE C 98 25.21 8.69 -30.28
CA ILE C 98 26.14 7.62 -29.96
C ILE C 98 25.35 6.49 -29.31
N ALA C 99 25.66 5.25 -29.69
CA ALA C 99 24.99 4.11 -29.07
C ALA C 99 25.93 2.92 -28.97
N TRP C 100 25.70 2.10 -27.94
CA TRP C 100 26.44 0.85 -27.80
C TRP C 100 25.63 -0.14 -26.99
N ASN C 101 25.98 -1.41 -27.21
CA ASN C 101 25.32 -2.53 -26.58
C ASN C 101 25.73 -2.64 -25.12
N SER C 102 24.75 -2.73 -24.22
CA SER C 102 25.02 -2.81 -22.79
C SER C 102 24.35 -4.04 -22.16
N ASN C 103 24.29 -5.14 -22.92
CA ASN C 103 23.75 -6.38 -22.40
C ASN C 103 24.42 -6.80 -21.09
N ASN C 104 25.74 -6.66 -20.98
CA ASN C 104 26.44 -7.11 -19.79
C ASN C 104 26.26 -6.18 -18.58
N LEU C 105 25.62 -5.03 -18.76
CA LEU C 105 25.37 -4.09 -17.67
C LEU C 105 23.91 -3.97 -17.30
N ASP C 106 23.00 -4.03 -18.27
CA ASP C 106 21.61 -3.65 -18.07
C ASP C 106 20.62 -4.82 -18.11
N SER C 107 21.08 -6.04 -18.44
CA SER C 107 20.19 -7.19 -18.40
C SER C 107 20.34 -7.93 -17.07
N LYS C 108 19.25 -8.52 -16.65
CA LYS C 108 19.23 -9.30 -15.44
C LYS C 108 18.58 -10.63 -15.75
N VAL C 109 19.07 -11.66 -15.05
CA VAL C 109 18.48 -12.98 -15.18
C VAL C 109 17.11 -12.94 -14.49
N GLY C 110 16.10 -13.42 -15.19
CA GLY C 110 14.74 -13.33 -14.69
C GLY C 110 14.02 -12.14 -15.27
N GLY C 111 14.71 -11.00 -15.34
CA GLY C 111 14.13 -9.81 -15.91
C GLY C 111 14.40 -8.54 -15.13
N ASN C 112 14.94 -7.56 -15.83
CA ASN C 112 15.17 -6.23 -15.27
C ASN C 112 13.85 -5.44 -15.29
N TYR C 113 13.36 -5.03 -14.10
CA TYR C 113 12.13 -4.23 -13.95
C TYR C 113 12.40 -2.73 -13.94
N ASN C 114 13.65 -2.31 -14.09
CA ASN C 114 14.02 -0.93 -13.77
C ASN C 114 13.96 0.02 -14.95
N TYR C 115 14.06 -0.45 -16.19
CA TYR C 115 14.12 0.41 -17.36
C TYR C 115 12.73 0.48 -17.99
N LEU C 116 12.20 1.69 -18.12
CA LEU C 116 10.82 1.89 -18.50
C LEU C 116 10.76 2.70 -19.78
N TYR C 117 9.63 2.58 -20.47
CA TYR C 117 9.32 3.43 -21.60
C TYR C 117 7.81 3.65 -21.63
N ARG C 118 7.40 4.83 -22.11
CA ARG C 118 5.99 5.15 -22.22
C ARG C 118 5.39 4.48 -23.46
N LEU C 119 4.25 3.81 -23.28
CA LEU C 119 3.56 3.09 -24.35
C LEU C 119 2.59 3.95 -25.15
N PHE C 120 1.96 4.94 -24.53
CA PHE C 120 0.85 5.65 -25.14
C PHE C 120 0.92 7.13 -24.82
N ARG C 121 0.34 7.94 -25.69
CA ARG C 121 0.22 9.36 -25.45
C ARG C 121 -0.90 9.89 -26.32
N LYS C 122 -1.51 11.00 -25.91
CA LYS C 122 -2.58 11.52 -26.75
C LYS C 122 -2.03 12.22 -27.99
N SER C 123 -0.78 12.66 -27.96
CA SER C 123 -0.14 13.27 -29.13
C SER C 123 1.35 13.02 -29.04
N ASN C 124 2.02 13.21 -30.19
CA ASN C 124 3.46 13.00 -30.29
C ASN C 124 4.23 14.05 -29.50
N LEU C 125 5.39 13.67 -28.99
CA LEU C 125 6.24 14.62 -28.29
C LEU C 125 6.74 15.73 -29.23
N LYS C 126 6.98 16.92 -28.62
CA LYS C 126 7.76 18.05 -29.15
C LYS C 126 9.23 17.68 -29.15
N PRO C 127 10.01 18.21 -30.10
CA PRO C 127 11.47 17.97 -30.06
C PRO C 127 12.08 18.36 -28.73
N PHE C 128 12.79 17.41 -28.12
CA PHE C 128 13.43 17.56 -26.82
C PHE C 128 12.43 17.71 -25.69
N GLU C 129 11.16 17.38 -25.92
CA GLU C 129 10.17 17.40 -24.86
C GLU C 129 10.34 16.19 -23.95
N ARG C 130 10.10 16.41 -22.66
CA ARG C 130 10.23 15.38 -21.63
C ARG C 130 8.88 15.21 -20.96
N ASP C 131 8.38 13.98 -20.91
CA ASP C 131 7.07 13.66 -20.35
C ASP C 131 7.24 12.59 -19.27
N ILE C 132 7.15 12.99 -18.00
CA ILE C 132 7.23 12.03 -16.90
C ILE C 132 5.87 11.83 -16.23
N SER C 133 4.80 12.17 -16.93
CA SER C 133 3.44 12.01 -16.45
C SER C 133 3.09 10.52 -16.28
N THR C 134 2.15 10.25 -15.38
CA THR C 134 1.63 8.90 -15.23
C THR C 134 0.09 8.88 -15.24
N GLU C 135 -0.55 9.88 -15.82
CA GLU C 135 -2.01 9.88 -15.88
C GLU C 135 -2.51 8.64 -16.62
N ILE C 136 -3.74 8.21 -16.27
CA ILE C 136 -4.32 7.05 -16.91
C ILE C 136 -4.53 7.37 -18.38
N TYR C 137 -4.32 6.38 -19.23
CA TYR C 137 -4.42 6.56 -20.67
C TYR C 137 -5.72 5.93 -21.16
N GLN C 138 -6.58 6.76 -21.72
CA GLN C 138 -7.87 6.31 -22.25
C GLN C 138 -7.63 5.77 -23.65
N ALA C 139 -7.71 4.45 -23.82
CA ALA C 139 -7.39 3.91 -25.14
C ALA C 139 -8.63 3.89 -26.03
N GLY C 140 -9.79 3.65 -25.46
CA GLY C 140 -11.01 3.56 -26.20
C GLY C 140 -11.83 4.84 -26.11
N SER C 141 -13.14 4.67 -25.99
CA SER C 141 -14.07 5.79 -25.97
CA SER C 141 -14.08 5.78 -25.97
C SER C 141 -14.64 6.09 -24.59
N THR C 142 -14.84 5.08 -23.74
CA THR C 142 -15.42 5.33 -22.42
C THR C 142 -14.37 5.87 -21.46
N PRO C 143 -14.56 7.08 -20.92
CA PRO C 143 -13.53 7.68 -20.07
C PRO C 143 -13.27 6.83 -18.83
N CYS C 144 -12.12 7.09 -18.21
CA CYS C 144 -11.56 6.22 -17.18
C CYS C 144 -12.04 6.56 -15.75
N ASN C 145 -12.53 7.79 -15.52
CA ASN C 145 -12.95 8.26 -14.18
C ASN C 145 -11.92 7.92 -13.11
N GLY C 146 -10.65 8.21 -13.38
CA GLY C 146 -9.57 8.00 -12.45
C GLY C 146 -9.24 6.56 -12.11
N VAL C 147 -9.81 5.58 -12.80
CA VAL C 147 -9.62 4.16 -12.51
C VAL C 147 -9.14 3.46 -13.78
N GLU C 148 -8.24 2.46 -13.60
CA GLU C 148 -7.76 1.68 -14.77
C GLU C 148 -8.72 0.51 -15.08
N GLY C 149 -9.88 0.82 -15.64
CA GLY C 149 -10.78 -0.16 -16.16
C GLY C 149 -10.43 -0.73 -17.53
N PHE C 150 -11.47 -1.19 -18.22
CA PHE C 150 -11.32 -2.13 -19.32
C PHE C 150 -10.43 -1.59 -20.43
N ASN C 151 -10.50 -0.29 -20.74
CA ASN C 151 -9.68 0.21 -21.84
C ASN C 151 -8.77 1.34 -21.40
N CYS C 152 -8.12 1.14 -20.25
CA CYS C 152 -7.56 2.22 -19.46
C CYS C 152 -6.34 1.70 -18.72
N TYR C 153 -5.17 2.28 -19.00
CA TYR C 153 -3.93 1.64 -18.61
C TYR C 153 -2.92 2.63 -18.06
N PHE C 154 -2.15 2.16 -17.08
CA PHE C 154 -0.91 2.82 -16.73
C PHE C 154 -0.10 3.01 -18.02
N PRO C 155 0.42 4.23 -18.28
CA PRO C 155 1.03 4.50 -19.59
C PRO C 155 2.47 4.07 -19.73
N LEU C 156 3.04 3.33 -18.78
CA LEU C 156 4.43 2.93 -18.82
C LEU C 156 4.54 1.43 -18.86
N GLN C 157 5.67 0.97 -19.40
CA GLN C 157 5.98 -0.42 -19.67
C GLN C 157 7.45 -0.67 -19.33
N SER C 158 7.77 -1.92 -19.02
CA SER C 158 9.13 -2.32 -18.67
C SER C 158 9.74 -3.17 -19.78
N TYR C 159 11.03 -2.96 -20.03
CA TYR C 159 11.70 -3.73 -21.07
C TYR C 159 11.99 -5.16 -20.64
N GLY C 160 12.19 -5.39 -19.33
CA GLY C 160 12.54 -6.71 -18.81
C GLY C 160 13.73 -7.35 -19.48
N PHE C 161 14.80 -6.58 -19.69
CA PHE C 161 15.97 -7.07 -20.41
C PHE C 161 16.54 -8.32 -19.77
N GLN C 162 16.60 -9.41 -20.56
CA GLN C 162 17.21 -10.66 -20.16
C GLN C 162 18.49 -10.91 -20.95
N PRO C 163 19.53 -11.48 -20.31
CA PRO C 163 20.79 -11.74 -21.04
C PRO C 163 20.60 -12.51 -22.32
N THR C 164 19.63 -13.41 -22.34
CA THR C 164 19.43 -14.31 -23.47
C THR C 164 18.63 -13.68 -24.62
N ASN C 165 18.12 -12.47 -24.46
CA ASN C 165 17.30 -11.89 -25.52
C ASN C 165 18.10 -11.79 -26.82
N GLY C 166 17.38 -11.78 -27.93
CA GLY C 166 18.00 -11.45 -29.20
C GLY C 166 18.51 -10.03 -29.22
N VAL C 167 19.53 -9.80 -30.06
CA VAL C 167 20.29 -8.55 -30.01
C VAL C 167 19.39 -7.36 -30.32
N GLY C 168 18.37 -7.55 -31.15
CA GLY C 168 17.41 -6.48 -31.36
C GLY C 168 16.64 -6.11 -30.10
N TYR C 169 16.65 -6.99 -29.10
CA TYR C 169 15.93 -6.82 -27.85
C TYR C 169 16.86 -6.52 -26.68
N GLN C 170 18.16 -6.51 -26.92
CA GLN C 170 19.07 -6.24 -25.82
C GLN C 170 19.14 -4.74 -25.57
N PRO C 171 19.48 -4.33 -24.34
CA PRO C 171 19.57 -2.89 -24.06
C PRO C 171 20.75 -2.23 -24.77
N TYR C 172 20.52 -1.00 -25.24
CA TYR C 172 21.57 -0.14 -25.78
C TYR C 172 21.61 1.17 -25.00
N ARG C 173 22.80 1.55 -24.52
CA ARG C 173 22.98 2.89 -23.98
C ARG C 173 23.11 3.92 -25.10
N VAL C 174 22.42 5.06 -24.94
CA VAL C 174 22.39 6.09 -25.98
C VAL C 174 22.77 7.44 -25.37
N VAL C 175 23.65 8.18 -26.05
CA VAL C 175 23.99 9.55 -25.66
C VAL C 175 23.79 10.43 -26.87
N VAL C 176 22.93 11.43 -26.75
CA VAL C 176 22.68 12.39 -27.81
C VAL C 176 23.41 13.68 -27.47
N LEU C 177 24.31 14.09 -28.37
CA LEU C 177 25.00 15.37 -28.25
C LEU C 177 24.23 16.42 -29.03
N SER C 178 23.96 17.56 -28.39
CA SER C 178 23.10 18.58 -28.99
C SER C 178 23.78 19.93 -28.93
N PHE C 179 23.76 20.68 -30.04
CA PHE C 179 24.45 21.98 -30.16
C PHE C 179 23.47 23.09 -30.53
N GLU C 180 23.27 24.01 -29.59
CA GLU C 180 22.27 25.08 -29.64
C GLU C 180 22.95 26.45 -29.72
N LEU C 181 22.49 27.30 -30.64
CA LEU C 181 22.84 28.72 -30.59
C LEU C 181 21.54 29.49 -30.38
N LEU C 182 21.16 29.73 -29.11
CA LEU C 182 19.96 30.53 -28.79
C LEU C 182 18.69 29.86 -29.34
N HIS C 183 18.54 28.58 -28.99
CA HIS C 183 17.41 27.73 -29.42
C HIS C 183 17.30 27.62 -30.94
N ALA C 184 18.43 27.64 -31.62
CA ALA C 184 18.54 27.40 -33.06
C ALA C 184 19.69 26.43 -33.28
N PRO C 185 19.76 25.80 -34.45
CA PRO C 185 20.81 24.79 -34.67
C PRO C 185 22.17 25.46 -34.78
N ALA C 186 23.12 25.01 -33.97
CA ALA C 186 24.48 25.51 -34.12
C ALA C 186 25.06 25.14 -35.47
N THR C 187 25.92 26.02 -35.99
CA THR C 187 26.64 25.80 -37.23
C THR C 187 28.12 25.95 -36.95
N VAL C 188 28.94 25.67 -37.97
CA VAL C 188 30.38 25.88 -37.84
C VAL C 188 30.67 27.37 -37.87
N CYS C 189 31.63 27.80 -37.07
CA CYS C 189 32.05 29.19 -37.11
C CYS C 189 32.59 29.51 -38.51
#